data_1I53
#
_entry.id   1I53
#
_cell.length_a   35.000
_cell.length_b   42.870
_cell.length_c   48.510
_cell.angle_alpha   80.52
_cell.angle_beta   77.69
_cell.angle_gamma   66.97
#
_symmetry.space_group_name_H-M   'P 1'
#
loop_
_entity.id
_entity.type
_entity.pdbx_description
1 polymer AZURIN
2 non-polymer 'COPPER (II) ION'
3 non-polymer 'RHENIUM (I) TRICARBONYL'
4 non-polymer 4,7-DIMETHYL-[1,10]PHENANTHROLINE
5 water water
#
_entity_poly.entity_id   1
_entity_poly.type   'polypeptide(L)'
_entity_poly.pdbx_seq_one_letter_code
;AQCSVDIQGNDQMQFNTNAITVDKSCKQFTVNLSHPGNLPKNVMGHNWVLSTAADMQGVVTDGMASGLDKDYLKPDDSRV
IAQTKLIGSGEKDSVTFDVSKLKEGEHYMFFCTFPGHSALMKGTLTLK
;
_entity_poly.pdbx_strand_id   A,B
#
loop_
_chem_comp.id
_chem_comp.type
_chem_comp.name
_chem_comp.formula
CU non-polymer 'COPPER (II) ION' 'Cu 2'
DPT non-polymer 4,7-DIMETHYL-[1,10]PHENANTHROLINE 'C14 H12 N2'
RTC non-polymer 'RHENIUM (I) TRICARBONYL' 'C3 O3 Re 1'
#
# COMPACT_ATOMS: atom_id res chain seq x y z
N ALA A 1 -7.39 -13.40 14.43
CA ALA A 1 -6.79 -12.91 15.72
C ALA A 1 -5.64 -11.94 15.47
N GLN A 2 -5.82 -10.71 15.93
CA GLN A 2 -4.82 -9.63 15.79
C GLN A 2 -5.33 -8.40 16.53
N CYS A 3 -4.41 -7.59 17.04
CA CYS A 3 -4.80 -6.37 17.73
C CYS A 3 -3.94 -5.20 17.28
N SER A 4 -3.47 -5.30 16.04
CA SER A 4 -2.64 -4.25 15.46
C SER A 4 -2.82 -4.14 13.95
N VAL A 5 -2.43 -3.01 13.40
CA VAL A 5 -2.51 -2.79 11.96
C VAL A 5 -1.38 -1.87 11.53
N ASP A 6 -0.77 -2.18 10.40
CA ASP A 6 0.29 -1.37 9.84
C ASP A 6 -0.32 -0.49 8.76
N ILE A 7 -0.07 0.80 8.83
CA ILE A 7 -0.60 1.72 7.86
C ILE A 7 0.49 2.60 7.28
N GLN A 8 0.36 2.91 5.99
CA GLN A 8 1.32 3.74 5.28
C GLN A 8 0.63 4.95 4.69
N GLY A 9 1.33 6.08 4.74
CA GLY A 9 0.85 7.33 4.18
C GLY A 9 1.94 7.72 3.19
N ASN A 10 1.58 7.93 1.92
CA ASN A 10 2.57 8.24 0.91
C ASN A 10 2.66 9.67 0.38
N ASP A 11 3.49 9.87 -0.64
CA ASP A 11 3.69 11.19 -1.26
C ASP A 11 2.50 11.63 -2.10
N GLN A 12 1.57 10.72 -2.36
CA GLN A 12 0.37 11.02 -3.14
C GLN A 12 -0.84 11.30 -2.24
N MET A 13 -0.57 11.64 -0.99
CA MET A 13 -1.61 11.96 -0.02
C MET A 13 -2.66 10.84 0.13
N GLN A 14 -2.17 9.61 0.25
CA GLN A 14 -3.03 8.44 0.40
C GLN A 14 -2.57 7.55 1.55
N PHE A 15 -3.53 6.94 2.24
CA PHE A 15 -3.26 5.96 3.29
C PHE A 15 -3.37 4.69 2.45
N ASN A 16 -2.75 3.59 2.88
CA ASN A 16 -2.87 2.36 2.11
C ASN A 16 -4.07 1.49 2.51
N THR A 17 -5.02 2.11 3.21
CA THR A 17 -6.25 1.45 3.65
C THR A 17 -7.28 2.51 4.00
N ASN A 18 -8.57 2.20 3.78
CA ASN A 18 -9.69 3.10 4.11
C ASN A 18 -10.64 2.44 5.10
N ALA A 19 -10.24 1.29 5.65
CA ALA A 19 -11.08 0.58 6.60
C ALA A 19 -10.29 -0.30 7.55
N ILE A 20 -10.40 0.00 8.85
CA ILE A 20 -9.71 -0.75 9.89
C ILE A 20 -10.74 -1.45 10.76
N THR A 21 -10.48 -2.71 11.07
CA THR A 21 -11.37 -3.49 11.91
C THR A 21 -10.64 -3.80 13.20
N VAL A 22 -11.36 -3.71 14.31
CA VAL A 22 -10.79 -3.98 15.63
C VAL A 22 -11.60 -5.09 16.29
N ASP A 23 -10.94 -6.20 16.58
CA ASP A 23 -11.59 -7.34 17.23
C ASP A 23 -12.07 -6.93 18.62
N LYS A 24 -13.33 -7.24 18.94
CA LYS A 24 -13.89 -6.90 20.24
C LYS A 24 -13.14 -7.59 21.38
N SER A 25 -12.43 -8.66 21.04
CA SER A 25 -11.63 -9.42 22.00
C SER A 25 -10.40 -8.63 22.46
N CYS A 26 -9.92 -7.74 21.60
CA CYS A 26 -8.73 -6.95 21.90
C CYS A 26 -8.94 -5.98 23.06
N LYS A 27 -8.10 -6.08 24.08
CA LYS A 27 -8.19 -5.17 25.22
C LYS A 27 -7.63 -3.81 24.77
N GLN A 28 -6.64 -3.85 23.90
CA GLN A 28 -6.00 -2.66 23.34
C GLN A 28 -5.74 -2.87 21.86
N PHE A 29 -5.60 -1.76 21.12
CA PHE A 29 -5.35 -1.83 19.69
C PHE A 29 -4.21 -0.89 19.33
N THR A 30 -3.31 -1.36 18.47
CA THR A 30 -2.15 -0.57 18.06
C THR A 30 -2.08 -0.26 16.57
N VAL A 31 -1.82 1.00 16.24
CA VAL A 31 -1.68 1.40 14.83
C VAL A 31 -0.22 1.79 14.60
N ASN A 32 0.39 1.16 13.61
CA ASN A 32 1.78 1.44 13.26
C ASN A 32 1.80 2.20 11.93
N LEU A 33 1.99 3.51 12.03
CA LEU A 33 2.04 4.36 10.85
C LEU A 33 3.46 4.58 10.36
N SER A 34 3.64 4.58 9.05
CA SER A 34 4.93 4.83 8.44
C SER A 34 4.73 5.69 7.20
N HIS A 35 5.81 6.36 6.78
CA HIS A 35 5.78 7.24 5.62
C HIS A 35 6.84 6.81 4.61
N PRO A 36 6.47 5.97 3.63
CA PRO A 36 7.42 5.49 2.62
C PRO A 36 7.71 6.51 1.51
N GLY A 37 7.29 7.76 1.70
CA GLY A 37 7.54 8.78 0.70
C GLY A 37 8.91 9.42 0.82
N ASN A 38 9.20 10.38 -0.06
CA ASN A 38 10.47 11.09 -0.06
C ASN A 38 10.24 12.57 0.27
N LEU A 39 8.97 12.97 0.40
CA LEU A 39 8.62 14.35 0.71
C LEU A 39 8.71 14.67 2.20
N PRO A 40 9.11 15.90 2.54
CA PRO A 40 9.27 16.42 3.90
C PRO A 40 7.94 16.57 4.64
N LYS A 41 8.02 16.58 5.96
CA LYS A 41 6.86 16.70 6.84
C LYS A 41 6.08 18.01 6.64
N ASN A 42 6.78 19.07 6.28
CA ASN A 42 6.12 20.36 6.08
C ASN A 42 5.33 20.50 4.76
N VAL A 43 5.51 19.55 3.83
CA VAL A 43 4.77 19.59 2.57
C VAL A 43 3.86 18.38 2.35
N MET A 44 4.18 17.25 2.98
CA MET A 44 3.37 16.04 2.83
C MET A 44 3.43 15.22 4.11
N GLY A 45 3.24 15.91 5.24
CA GLY A 45 3.28 15.26 6.53
C GLY A 45 2.01 14.51 6.82
N HIS A 46 2.13 13.39 7.52
CA HIS A 46 0.95 12.59 7.86
C HIS A 46 0.95 12.18 9.32
N ASN A 47 -0.25 12.08 9.87
CA ASN A 47 -0.45 11.58 11.22
C ASN A 47 -1.69 10.68 11.11
N TRP A 48 -1.93 9.87 12.12
CA TRP A 48 -3.11 9.02 12.13
C TRP A 48 -3.88 9.45 13.36
N VAL A 49 -5.08 9.98 13.14
CA VAL A 49 -5.91 10.50 14.22
C VAL A 49 -7.28 9.82 14.23
N LEU A 50 -7.75 9.47 15.42
CA LEU A 50 -9.04 8.79 15.56
C LEU A 50 -10.02 9.59 16.39
N SER A 51 -11.27 9.65 15.91
CA SER A 51 -12.35 10.35 16.59
C SER A 51 -13.65 9.81 16.01
N THR A 52 -14.78 10.26 16.58
CA THR A 52 -16.08 9.86 16.07
C THR A 52 -16.21 10.59 14.74
N ALA A 53 -17.06 10.06 13.86
CA ALA A 53 -17.28 10.69 12.55
C ALA A 53 -17.79 12.12 12.72
N ALA A 54 -18.61 12.34 13.74
CA ALA A 54 -19.18 13.66 14.00
C ALA A 54 -18.14 14.69 14.49
N ASP A 55 -17.09 14.21 15.14
CA ASP A 55 -16.04 15.07 15.64
C ASP A 55 -14.91 15.34 14.66
N MET A 56 -14.84 14.58 13.57
CA MET A 56 -13.76 14.73 12.59
C MET A 56 -13.51 16.16 12.08
N GLN A 57 -14.54 16.77 11.51
CA GLN A 57 -14.42 18.12 10.96
C GLN A 57 -13.81 19.09 11.98
N GLY A 58 -14.28 19.00 13.22
CA GLY A 58 -13.77 19.89 14.26
C GLY A 58 -12.31 19.65 14.58
N VAL A 59 -11.93 18.38 14.69
CA VAL A 59 -10.55 18.03 14.97
C VAL A 59 -9.65 18.51 13.83
N VAL A 60 -10.12 18.33 12.60
CA VAL A 60 -9.37 18.76 11.42
C VAL A 60 -9.21 20.28 11.36
N THR A 61 -10.31 21.00 11.55
CA THR A 61 -10.30 22.45 11.50
C THR A 61 -9.41 23.05 12.58
N ASP A 62 -9.62 22.63 13.82
CA ASP A 62 -8.82 23.13 14.94
C ASP A 62 -7.36 22.68 14.80
N GLY A 63 -7.18 21.50 14.18
CA GLY A 63 -5.84 21.00 13.98
C GLY A 63 -5.06 21.91 13.05
N MET A 64 -5.68 22.29 11.93
CA MET A 64 -5.03 23.18 10.98
C MET A 64 -4.65 24.51 11.62
N ALA A 65 -5.53 25.02 12.47
CA ALA A 65 -5.30 26.28 13.16
C ALA A 65 -4.14 26.18 14.16
N SER A 66 -3.96 25.00 14.73
CA SER A 66 -2.89 24.78 15.71
C SER A 66 -1.50 24.81 15.07
N GLY A 67 -1.44 24.53 13.77
CA GLY A 67 -0.18 24.57 13.05
C GLY A 67 0.75 23.38 13.09
N LEU A 68 1.77 23.46 12.25
CA LEU A 68 2.80 22.43 12.09
C LEU A 68 3.51 22.11 13.41
N ASP A 69 3.83 23.14 14.17
CA ASP A 69 4.52 22.99 15.46
C ASP A 69 3.78 22.08 16.43
N LYS A 70 2.46 22.00 16.28
CA LYS A 70 1.62 21.17 17.15
C LYS A 70 1.17 19.91 16.43
N ASP A 71 1.88 19.56 15.35
CA ASP A 71 1.56 18.38 14.54
C ASP A 71 0.14 18.46 14.00
N TYR A 72 -0.31 19.69 13.76
CA TYR A 72 -1.65 19.97 13.26
C TYR A 72 -2.76 19.36 14.10
N LEU A 73 -2.59 19.45 15.43
CA LEU A 73 -3.57 18.93 16.36
C LEU A 73 -3.71 19.85 17.56
N LYS A 74 -4.95 20.18 17.90
CA LYS A 74 -5.22 21.04 19.05
C LYS A 74 -4.74 20.28 20.29
N PRO A 75 -3.98 20.94 21.18
CA PRO A 75 -3.47 20.30 22.40
C PRO A 75 -4.59 19.77 23.30
N ASP A 76 -4.42 18.54 23.77
CA ASP A 76 -5.40 17.86 24.62
C ASP A 76 -6.84 17.96 24.12
N ASP A 77 -7.03 17.57 22.87
CA ASP A 77 -8.34 17.58 22.23
C ASP A 77 -9.13 16.40 22.78
N SER A 78 -10.16 16.69 23.56
CA SER A 78 -10.99 15.66 24.18
C SER A 78 -11.75 14.81 23.16
N ARG A 79 -11.83 15.30 21.92
CA ARG A 79 -12.50 14.59 20.83
C ARG A 79 -11.61 13.50 20.23
N VAL A 80 -10.30 13.65 20.43
CA VAL A 80 -9.34 12.69 19.90
C VAL A 80 -9.19 11.48 20.80
N ILE A 81 -9.54 10.31 20.26
CA ILE A 81 -9.46 9.06 20.97
C ILE A 81 -8.04 8.50 20.95
N ALA A 82 -7.33 8.73 19.83
CA ALA A 82 -5.97 8.25 19.65
C ALA A 82 -5.29 9.08 18.57
N GLN A 83 -3.98 9.26 18.69
CA GLN A 83 -3.24 10.05 17.72
C GLN A 83 -1.76 9.71 17.67
N THR A 84 -1.19 9.72 16.47
CA THR A 84 0.25 9.50 16.30
C THR A 84 0.78 10.91 16.11
N LYS A 85 2.10 11.07 16.08
CA LYS A 85 2.69 12.38 15.82
C LYS A 85 2.67 12.58 14.31
N LEU A 86 2.96 13.79 13.86
CA LEU A 86 3.02 14.07 12.42
C LEU A 86 4.38 13.61 11.92
N ILE A 87 4.39 12.78 10.88
CA ILE A 87 5.66 12.27 10.36
C ILE A 87 5.90 12.61 8.90
N GLY A 88 7.18 12.60 8.52
CA GLY A 88 7.58 12.87 7.15
C GLY A 88 8.35 11.70 6.60
N SER A 89 8.88 11.83 5.37
CA SER A 89 9.64 10.79 4.69
C SER A 89 10.56 9.94 5.56
N GLY A 90 10.37 8.61 5.50
CA GLY A 90 11.19 7.68 6.25
C GLY A 90 10.91 7.52 7.74
N GLU A 91 9.96 8.26 8.26
CA GLU A 91 9.63 8.17 9.68
C GLU A 91 8.51 7.19 9.97
N LYS A 92 8.39 6.84 11.25
CA LYS A 92 7.38 5.92 11.74
C LYS A 92 6.95 6.36 13.13
N ASP A 93 5.75 5.93 13.52
CA ASP A 93 5.23 6.23 14.85
C ASP A 93 4.07 5.29 15.12
N SER A 94 3.98 4.83 16.36
CA SER A 94 2.92 3.92 16.76
C SER A 94 2.09 4.53 17.87
N VAL A 95 0.83 4.10 17.93
CA VAL A 95 -0.08 4.56 18.98
C VAL A 95 -0.96 3.39 19.36
N THR A 96 -1.12 3.19 20.67
CA THR A 96 -1.95 2.14 21.20
C THR A 96 -3.04 2.80 22.04
N PHE A 97 -4.26 2.30 21.95
CA PHE A 97 -5.37 2.85 22.73
C PHE A 97 -6.24 1.73 23.28
N ASP A 98 -7.03 2.04 24.29
CA ASP A 98 -7.92 1.07 24.91
C ASP A 98 -9.15 0.91 24.06
N VAL A 99 -9.49 -0.34 23.73
CA VAL A 99 -10.65 -0.63 22.91
C VAL A 99 -11.96 -0.30 23.65
N SER A 100 -11.86 -0.09 24.95
CA SER A 100 -13.03 0.27 25.75
C SER A 100 -13.55 1.65 25.37
N LYS A 101 -12.67 2.48 24.80
CA LYS A 101 -13.03 3.85 24.38
C LYS A 101 -14.00 3.84 23.21
N LEU A 102 -14.12 2.69 22.54
CA LEU A 102 -15.01 2.55 21.40
C LEU A 102 -16.30 1.87 21.81
N LYS A 103 -17.43 2.50 21.55
CA LYS A 103 -18.70 1.87 21.90
C LYS A 103 -19.42 1.51 20.63
N GLU A 104 -19.92 0.28 20.56
CA GLU A 104 -20.62 -0.11 19.35
C GLU A 104 -21.84 0.74 19.07
N GLY A 105 -22.20 0.76 17.80
CA GLY A 105 -23.32 1.56 17.36
C GLY A 105 -22.80 2.94 16.94
N GLU A 106 -21.62 3.31 17.43
CA GLU A 106 -21.02 4.61 17.10
C GLU A 106 -20.09 4.50 15.90
N HIS A 107 -20.06 5.57 15.10
CA HIS A 107 -19.21 5.64 13.93
C HIS A 107 -17.88 6.29 14.22
N TYR A 108 -16.80 5.56 13.94
CA TYR A 108 -15.45 6.08 14.15
C TYR A 108 -14.72 6.20 12.83
N MET A 109 -13.95 7.27 12.71
CA MET A 109 -13.19 7.51 11.51
C MET A 109 -11.76 7.87 11.87
N PHE A 110 -10.82 7.45 11.03
CA PHE A 110 -9.42 7.78 11.22
C PHE A 110 -9.07 8.72 10.07
N PHE A 111 -8.07 9.58 10.27
CA PHE A 111 -7.71 10.54 9.23
C PHE A 111 -6.41 11.25 9.56
N CYS A 112 -5.89 11.97 8.56
CA CYS A 112 -4.68 12.75 8.73
C CYS A 112 -5.17 14.19 8.83
N THR A 113 -4.60 14.94 9.76
CA THR A 113 -4.99 16.33 9.98
C THR A 113 -4.08 17.38 9.32
N PHE A 114 -3.13 16.94 8.48
CA PHE A 114 -2.30 17.90 7.78
C PHE A 114 -3.31 18.61 6.87
N PRO A 115 -3.22 19.94 6.76
CA PRO A 115 -4.14 20.72 5.93
C PRO A 115 -4.48 20.12 4.57
N GLY A 116 -5.79 19.94 4.34
CA GLY A 116 -6.28 19.41 3.08
C GLY A 116 -6.24 17.91 2.89
N HIS A 117 -5.40 17.23 3.67
CA HIS A 117 -5.25 15.77 3.54
C HIS A 117 -6.46 14.89 3.83
N SER A 118 -7.28 15.27 4.81
CA SER A 118 -8.46 14.47 5.18
C SER A 118 -9.45 14.23 4.04
N ALA A 119 -9.37 15.05 2.99
CA ALA A 119 -10.25 14.91 1.84
C ALA A 119 -10.07 13.50 1.26
N LEU A 120 -8.83 13.02 1.24
CA LEU A 120 -8.52 11.70 0.72
C LEU A 120 -8.09 10.74 1.81
N MET A 121 -7.31 11.24 2.76
CA MET A 121 -6.79 10.44 3.86
C MET A 121 -7.76 10.33 5.02
N LYS A 122 -8.73 9.43 4.83
CA LYS A 122 -9.72 9.18 5.85
C LYS A 122 -10.29 7.78 5.65
N GLY A 123 -10.82 7.21 6.72
CA GLY A 123 -11.39 5.88 6.64
C GLY A 123 -12.17 5.55 7.88
N THR A 124 -12.76 4.36 7.90
CA THR A 124 -13.57 3.93 9.03
C THR A 124 -12.81 2.94 9.90
N LEU A 125 -13.06 3.03 11.20
CA LEU A 125 -12.50 2.09 12.16
C LEU A 125 -13.71 1.54 12.89
N THR A 126 -13.98 0.25 12.71
CA THR A 126 -15.11 -0.34 13.38
C THR A 126 -14.76 -1.45 14.33
N LEU A 127 -15.64 -1.67 15.29
CA LEU A 127 -15.40 -2.67 16.31
C LEU A 127 -16.13 -4.04 16.24
N LYS A 128 -16.27 -4.72 15.15
CA LYS A 128 -16.97 -5.99 15.26
C LYS A 128 -16.12 -7.20 14.95
N ALA B 1 16.95 2.64 -25.58
CA ALA B 1 16.95 1.96 -26.91
C ALA B 1 15.82 0.94 -26.96
N GLN B 2 15.99 -0.17 -26.26
CA GLN B 2 14.96 -1.21 -26.20
C GLN B 2 13.93 -0.75 -25.16
N CYS B 3 12.66 -1.02 -25.43
CA CYS B 3 11.60 -0.63 -24.52
C CYS B 3 10.74 -1.83 -24.12
N SER B 4 11.40 -2.98 -24.02
CA SER B 4 10.73 -4.21 -23.65
C SER B 4 11.71 -5.15 -22.98
N VAL B 5 11.19 -6.22 -22.41
CA VAL B 5 12.01 -7.22 -21.74
C VAL B 5 11.24 -8.52 -21.72
N ASP B 6 11.95 -9.62 -21.93
CA ASP B 6 11.37 -10.95 -21.92
C ASP B 6 11.75 -11.59 -20.58
N ILE B 7 10.76 -12.01 -19.82
CA ILE B 7 10.98 -12.64 -18.52
C ILE B 7 10.35 -14.01 -18.49
N GLN B 8 10.99 -14.93 -17.78
CA GLN B 8 10.49 -16.29 -17.63
C GLN B 8 10.28 -16.66 -16.16
N GLY B 9 9.23 -17.42 -15.91
CA GLY B 9 8.93 -17.90 -14.56
C GLY B 9 8.89 -19.40 -14.74
N ASN B 10 9.77 -20.13 -14.07
CA ASN B 10 9.85 -21.58 -14.21
C ASN B 10 9.14 -22.43 -13.15
N ASP B 11 9.40 -23.74 -13.18
CA ASP B 11 8.81 -24.68 -12.22
C ASP B 11 9.50 -24.65 -10.87
N GLN B 12 10.65 -23.96 -10.81
CA GLN B 12 11.45 -23.83 -9.60
C GLN B 12 11.01 -22.62 -8.79
N MET B 13 9.94 -21.96 -9.22
CA MET B 13 9.41 -20.76 -8.55
C MET B 13 10.46 -19.65 -8.61
N GLN B 14 11.01 -19.43 -9.81
CA GLN B 14 12.02 -18.40 -10.00
C GLN B 14 11.86 -17.64 -11.31
N PHE B 15 12.12 -16.34 -11.25
CA PHE B 15 12.09 -15.49 -12.43
C PHE B 15 13.52 -15.61 -12.96
N ASN B 16 13.71 -15.43 -14.27
CA ASN B 16 15.07 -15.52 -14.81
C ASN B 16 15.82 -14.20 -14.79
N THR B 17 15.38 -13.30 -13.91
CA THR B 17 15.99 -11.97 -13.73
C THR B 17 15.43 -11.32 -12.46
N ASN B 18 16.28 -10.65 -11.71
CA ASN B 18 15.84 -9.97 -10.50
C ASN B 18 16.11 -8.46 -10.55
N ALA B 19 16.36 -7.96 -11.75
CA ALA B 19 16.63 -6.53 -11.94
C ALA B 19 16.28 -6.07 -13.34
N ILE B 20 15.29 -5.19 -13.45
CA ILE B 20 14.85 -4.67 -14.74
C ILE B 20 15.13 -3.18 -14.82
N THR B 21 15.56 -2.74 -16.00
CA THR B 21 15.84 -1.33 -16.24
C THR B 21 14.95 -0.82 -17.35
N VAL B 22 14.39 0.38 -17.15
CA VAL B 22 13.53 1.01 -18.12
C VAL B 22 14.16 2.32 -18.58
N ASP B 23 14.35 2.46 -19.89
CA ASP B 23 14.96 3.66 -20.45
C ASP B 23 14.00 4.84 -20.42
N LYS B 24 14.50 5.97 -19.93
CA LYS B 24 13.73 7.21 -19.83
C LYS B 24 13.31 7.75 -21.20
N SER B 25 13.91 7.22 -22.25
CA SER B 25 13.59 7.61 -23.62
C SER B 25 12.28 6.96 -24.03
N CYS B 26 12.05 5.76 -23.49
CA CYS B 26 10.84 5.00 -23.78
C CYS B 26 9.59 5.69 -23.29
N LYS B 27 8.60 5.83 -24.18
CA LYS B 27 7.35 6.42 -23.77
C LYS B 27 6.53 5.32 -23.09
N GLN B 28 6.68 4.09 -23.57
CA GLN B 28 5.98 2.95 -23.00
C GLN B 28 6.96 1.78 -22.85
N PHE B 29 6.70 0.91 -21.90
CA PHE B 29 7.56 -0.25 -21.65
C PHE B 29 6.72 -1.52 -21.65
N THR B 30 7.25 -2.57 -22.25
CA THR B 30 6.54 -3.84 -22.35
C THR B 30 7.29 -5.03 -21.73
N VAL B 31 6.54 -5.86 -21.03
CA VAL B 31 7.06 -7.05 -20.38
C VAL B 31 6.40 -8.27 -21.00
N ASN B 32 7.21 -9.16 -21.57
CA ASN B 32 6.71 -10.38 -22.19
C ASN B 32 7.02 -11.57 -21.29
N LEU B 33 6.00 -12.02 -20.55
CA LEU B 33 6.13 -13.12 -19.62
C LEU B 33 5.78 -14.46 -20.26
N SER B 34 6.56 -15.49 -19.93
CA SER B 34 6.32 -16.85 -20.42
C SER B 34 6.64 -17.81 -19.29
N HIS B 35 6.11 -19.03 -19.39
CA HIS B 35 6.31 -20.06 -18.37
C HIS B 35 6.73 -21.36 -19.06
N PRO B 36 8.06 -21.61 -19.14
CA PRO B 36 8.59 -22.81 -19.80
C PRO B 36 8.42 -24.14 -19.06
N GLY B 37 7.84 -24.10 -17.87
CA GLY B 37 7.68 -25.32 -17.10
C GLY B 37 6.78 -26.41 -17.66
N ASN B 38 6.26 -27.22 -16.75
CA ASN B 38 5.39 -28.32 -17.09
C ASN B 38 4.22 -28.26 -16.11
N LEU B 39 4.40 -27.46 -15.06
CA LEU B 39 3.40 -27.29 -14.02
C LEU B 39 2.26 -26.34 -14.38
N PRO B 40 1.02 -26.71 -14.03
CA PRO B 40 -0.21 -25.94 -14.26
C PRO B 40 -0.25 -24.64 -13.46
N LYS B 41 -1.16 -23.75 -13.84
CA LYS B 41 -1.38 -22.45 -13.23
C LYS B 41 -1.86 -22.51 -11.77
N ASN B 42 -2.61 -23.55 -11.43
CA ASN B 42 -3.13 -23.69 -10.07
C ASN B 42 -2.11 -24.13 -9.01
N VAL B 43 -0.94 -24.58 -9.46
CA VAL B 43 0.11 -25.01 -8.54
C VAL B 43 1.44 -24.27 -8.72
N MET B 44 1.66 -23.71 -9.93
CA MET B 44 2.89 -22.98 -10.22
C MET B 44 2.60 -21.81 -11.17
N GLY B 45 1.45 -21.18 -10.96
CA GLY B 45 1.08 -20.04 -11.78
C GLY B 45 1.97 -18.85 -11.50
N HIS B 46 2.23 -18.06 -12.53
CA HIS B 46 3.06 -16.88 -12.39
C HIS B 46 2.49 -15.68 -13.12
N ASN B 47 2.62 -14.52 -12.50
CA ASN B 47 2.21 -13.27 -13.13
C ASN B 47 3.35 -12.29 -12.88
N TRP B 48 3.32 -11.18 -13.60
CA TRP B 48 4.35 -10.15 -13.42
C TRP B 48 3.58 -8.91 -12.99
N VAL B 49 3.81 -8.48 -11.76
CA VAL B 49 3.11 -7.32 -11.19
C VAL B 49 4.09 -6.25 -10.76
N LEU B 50 3.75 -4.99 -11.08
CA LEU B 50 4.60 -3.86 -10.76
C LEU B 50 3.92 -2.90 -9.78
N SER B 51 4.64 -2.54 -8.72
CA SER B 51 4.13 -1.61 -7.71
C SER B 51 5.34 -0.96 -7.06
N THR B 52 5.09 -0.01 -6.14
CA THR B 52 6.22 0.60 -5.45
C THR B 52 6.70 -0.48 -4.48
N ALA B 53 7.95 -0.40 -4.07
CA ALA B 53 8.49 -1.37 -3.14
C ALA B 53 7.66 -1.40 -1.85
N ALA B 54 7.23 -0.23 -1.39
CA ALA B 54 6.45 -0.13 -0.16
C ALA B 54 5.04 -0.71 -0.28
N ASP B 55 4.50 -0.71 -1.49
CA ASP B 55 3.16 -1.26 -1.72
C ASP B 55 3.15 -2.76 -2.00
N MET B 56 4.31 -3.33 -2.31
CA MET B 56 4.42 -4.75 -2.63
C MET B 56 3.71 -5.68 -1.65
N GLN B 57 4.00 -5.55 -0.37
CA GLN B 57 3.40 -6.41 0.65
C GLN B 57 1.87 -6.41 0.61
N GLY B 58 1.29 -5.22 0.53
CA GLY B 58 -0.15 -5.08 0.49
C GLY B 58 -0.74 -5.75 -0.73
N VAL B 59 -0.13 -5.53 -1.89
CA VAL B 59 -0.59 -6.11 -3.14
C VAL B 59 -0.52 -7.63 -3.06
N VAL B 60 0.58 -8.16 -2.56
CA VAL B 60 0.77 -9.61 -2.42
C VAL B 60 -0.25 -10.21 -1.44
N THR B 61 -0.43 -9.57 -0.29
CA THR B 61 -1.38 -10.07 0.70
C THR B 61 -2.82 -10.04 0.20
N ASP B 62 -3.26 -8.89 -0.32
CA ASP B 62 -4.62 -8.75 -0.84
C ASP B 62 -4.82 -9.65 -2.06
N GLY B 63 -3.75 -9.84 -2.83
CA GLY B 63 -3.80 -10.69 -4.00
C GLY B 63 -4.11 -12.13 -3.64
N MET B 64 -3.42 -12.63 -2.61
CA MET B 64 -3.61 -14.01 -2.15
C MET B 64 -5.06 -14.22 -1.73
N ALA B 65 -5.60 -13.26 -0.98
CA ALA B 65 -6.97 -13.32 -0.50
C ALA B 65 -8.01 -13.26 -1.62
N SER B 66 -7.63 -12.70 -2.77
CA SER B 66 -8.53 -12.61 -3.91
C SER B 66 -8.74 -13.96 -4.59
N GLY B 67 -7.70 -14.79 -4.58
CA GLY B 67 -7.83 -16.12 -5.16
C GLY B 67 -7.42 -16.34 -6.60
N LEU B 68 -7.37 -17.62 -6.97
CA LEU B 68 -6.99 -18.09 -8.30
C LEU B 68 -7.74 -17.52 -9.49
N ASP B 69 -9.07 -17.47 -9.38
CA ASP B 69 -9.88 -16.95 -10.48
C ASP B 69 -9.65 -15.47 -10.75
N LYS B 70 -9.18 -14.74 -9.74
CA LYS B 70 -8.90 -13.30 -9.86
C LYS B 70 -7.42 -13.06 -10.17
N ASP B 71 -6.73 -14.11 -10.65
CA ASP B 71 -5.30 -14.05 -10.97
C ASP B 71 -4.48 -13.67 -9.73
N TYR B 72 -5.00 -14.00 -8.56
CA TYR B 72 -4.35 -13.69 -7.29
C TYR B 72 -4.04 -12.20 -7.18
N LEU B 73 -4.97 -11.39 -7.67
CA LEU B 73 -4.85 -9.93 -7.65
C LEU B 73 -6.17 -9.30 -7.27
N LYS B 74 -6.10 -8.31 -6.38
CA LYS B 74 -7.28 -7.61 -5.94
C LYS B 74 -7.77 -6.79 -7.12
N PRO B 75 -9.07 -6.92 -7.48
CA PRO B 75 -9.62 -6.18 -8.60
C PRO B 75 -9.51 -4.67 -8.34
N ASP B 76 -9.13 -3.90 -9.36
CA ASP B 76 -9.02 -2.44 -9.21
C ASP B 76 -8.03 -2.02 -8.10
N ASP B 77 -6.91 -2.73 -8.00
CA ASP B 77 -5.91 -2.37 -6.99
C ASP B 77 -5.19 -1.14 -7.52
N SER B 78 -5.41 0.00 -6.86
CA SER B 78 -4.79 1.25 -7.27
C SER B 78 -3.28 1.31 -7.09
N ARG B 79 -2.72 0.34 -6.37
CA ARG B 79 -1.28 0.29 -6.11
C ARG B 79 -0.54 -0.42 -7.24
N VAL B 80 -1.28 -1.19 -8.04
CA VAL B 80 -0.70 -1.92 -9.15
C VAL B 80 -0.52 -1.02 -10.37
N ILE B 81 0.73 -0.84 -10.78
CA ILE B 81 1.05 0.01 -11.92
C ILE B 81 0.87 -0.75 -13.24
N ALA B 82 1.19 -2.04 -13.20
CA ALA B 82 1.06 -2.90 -14.38
C ALA B 82 0.95 -4.34 -13.92
N GLN B 83 0.23 -5.15 -14.69
CA GLN B 83 0.05 -6.56 -14.36
C GLN B 83 -0.26 -7.42 -15.57
N THR B 84 0.27 -8.64 -15.58
CA THR B 84 -0.02 -9.59 -16.65
C THR B 84 -1.05 -10.49 -15.99
N LYS B 85 -1.61 -11.42 -16.76
CA LYS B 85 -2.56 -12.36 -16.18
C LYS B 85 -1.72 -13.47 -15.58
N LEU B 86 -2.35 -14.34 -14.78
CA LEU B 86 -1.62 -15.46 -14.17
C LEU B 86 -1.55 -16.58 -15.21
N ILE B 87 -0.34 -17.05 -15.50
CA ILE B 87 -0.15 -18.11 -16.48
C ILE B 87 0.49 -19.37 -15.94
N GLY B 88 0.25 -20.48 -16.64
CA GLY B 88 0.83 -21.76 -16.29
C GLY B 88 1.82 -22.15 -17.37
N SER B 89 2.35 -23.37 -17.28
CA SER B 89 3.32 -23.86 -18.26
C SER B 89 2.83 -23.79 -19.70
N GLY B 90 3.73 -23.41 -20.60
CA GLY B 90 3.40 -23.31 -22.01
C GLY B 90 2.65 -22.05 -22.42
N GLU B 91 2.13 -21.31 -21.44
CA GLU B 91 1.40 -20.09 -21.72
C GLU B 91 2.31 -18.87 -21.68
N LYS B 92 1.77 -17.74 -22.13
CA LYS B 92 2.52 -16.49 -22.14
C LYS B 92 1.57 -15.30 -22.12
N ASP B 93 2.08 -14.16 -21.67
CA ASP B 93 1.28 -12.94 -21.62
C ASP B 93 2.20 -11.72 -21.56
N SER B 94 1.72 -10.64 -22.14
CA SER B 94 2.47 -9.40 -22.17
C SER B 94 1.63 -8.25 -21.62
N VAL B 95 2.31 -7.25 -21.10
CA VAL B 95 1.63 -6.07 -20.58
C VAL B 95 2.50 -4.86 -20.88
N THR B 96 1.85 -3.79 -21.30
CA THR B 96 2.55 -2.55 -21.62
C THR B 96 2.02 -1.47 -20.70
N PHE B 97 2.92 -0.59 -20.23
CA PHE B 97 2.52 0.49 -19.35
C PHE B 97 3.23 1.80 -19.70
N ASP B 98 2.64 2.91 -19.31
CA ASP B 98 3.24 4.22 -19.57
C ASP B 98 4.38 4.52 -18.63
N VAL B 99 5.56 4.77 -19.22
CA VAL B 99 6.75 5.06 -18.44
C VAL B 99 6.56 6.29 -17.54
N SER B 100 5.60 7.16 -17.90
CA SER B 100 5.34 8.34 -17.09
C SER B 100 4.83 8.00 -15.69
N LYS B 101 4.35 6.77 -15.52
CA LYS B 101 3.85 6.31 -14.22
C LYS B 101 4.97 6.10 -13.21
N LEU B 102 6.19 5.98 -13.72
CA LEU B 102 7.37 5.78 -12.88
C LEU B 102 7.91 7.14 -12.46
N LYS B 103 7.69 7.48 -11.19
CA LYS B 103 8.11 8.76 -10.63
C LYS B 103 9.58 8.79 -10.22
N GLU B 104 10.21 9.93 -10.43
CA GLU B 104 11.62 10.10 -10.10
C GLU B 104 11.86 9.91 -8.60
N GLY B 105 12.92 9.16 -8.27
CA GLY B 105 13.26 8.91 -6.88
C GLY B 105 12.50 7.79 -6.17
N GLU B 106 11.46 7.24 -6.81
CA GLU B 106 10.66 6.18 -6.20
C GLU B 106 11.30 4.81 -6.39
N HIS B 107 11.07 3.91 -5.43
CA HIS B 107 11.58 2.54 -5.49
C HIS B 107 10.48 1.64 -6.03
N TYR B 108 10.77 0.90 -7.10
CA TYR B 108 9.78 0.00 -7.70
C TYR B 108 10.21 -1.45 -7.61
N MET B 109 9.22 -2.34 -7.52
CA MET B 109 9.47 -3.77 -7.45
C MET B 109 8.49 -4.55 -8.31
N PHE B 110 8.99 -5.58 -9.00
CA PHE B 110 8.12 -6.45 -9.77
C PHE B 110 8.10 -7.75 -8.99
N PHE B 111 7.01 -8.49 -9.11
CA PHE B 111 6.87 -9.74 -8.37
C PHE B 111 5.69 -10.57 -8.86
N CYS B 112 5.64 -11.82 -8.41
CA CYS B 112 4.56 -12.74 -8.73
C CYS B 112 3.70 -12.81 -7.47
N THR B 113 2.38 -12.72 -7.62
CA THR B 113 1.49 -12.78 -6.46
C THR B 113 0.89 -14.14 -6.10
N PHE B 114 1.34 -15.20 -6.77
CA PHE B 114 0.84 -16.53 -6.45
C PHE B 114 1.30 -16.75 -5.01
N PRO B 115 0.43 -17.29 -4.14
CA PRO B 115 0.75 -17.53 -2.73
C PRO B 115 2.16 -18.06 -2.46
N GLY B 116 2.95 -17.25 -1.76
CA GLY B 116 4.32 -17.60 -1.40
C GLY B 116 5.43 -17.36 -2.40
N HIS B 117 5.09 -17.15 -3.67
CA HIS B 117 6.10 -16.95 -4.70
C HIS B 117 6.98 -15.72 -4.53
N SER B 118 6.41 -14.64 -4.01
CA SER B 118 7.15 -13.39 -3.83
C SER B 118 8.39 -13.50 -2.94
N ALA B 119 8.52 -14.60 -2.18
CA ALA B 119 9.69 -14.78 -1.34
C ALA B 119 10.95 -14.88 -2.21
N LEU B 120 10.77 -15.44 -3.41
CA LEU B 120 11.87 -15.63 -4.36
C LEU B 120 11.63 -14.86 -5.66
N MET B 121 10.39 -14.84 -6.11
CA MET B 121 10.03 -14.19 -7.36
C MET B 121 9.72 -12.70 -7.19
N LYS B 122 10.78 -11.91 -7.10
CA LYS B 122 10.69 -10.47 -6.96
C LYS B 122 11.98 -9.85 -7.46
N GLY B 123 11.92 -8.57 -7.77
CA GLY B 123 13.11 -7.88 -8.23
C GLY B 123 12.83 -6.41 -8.35
N THR B 124 13.88 -5.64 -8.59
CA THR B 124 13.73 -4.20 -8.72
C THR B 124 13.51 -3.83 -10.17
N LEU B 125 12.93 -2.65 -10.36
CA LEU B 125 12.72 -2.11 -11.69
C LEU B 125 13.08 -0.65 -11.52
N THR B 126 14.15 -0.22 -12.19
CA THR B 126 14.59 1.17 -12.07
C THR B 126 14.62 1.92 -13.40
N LEU B 127 14.19 3.18 -13.32
CA LEU B 127 14.12 4.07 -14.46
C LEU B 127 15.52 4.67 -14.66
N LYS B 128 16.12 4.38 -15.81
CA LYS B 128 17.45 4.90 -16.14
C LYS B 128 17.37 5.66 -17.46
CU CU C . -1.31 13.65 5.61
RE RTC D . -25.39 5.72 11.40
O1 RTC D . -28.30 6.19 10.51
O2 RTC D . -26.44 4.86 14.18
O3 RTC D . -25.44 8.61 12.39
C1 RTC D . -27.22 6.01 10.84
C2 RTC D . -26.04 5.19 13.16
C3 RTC D . -25.42 7.55 12.03
N1 DPT E . -24.49 6.02 9.45
C2 DPT E . -24.10 7.18 8.92
C3 DPT E . -23.53 7.27 7.64
C4 DPT E . -23.37 6.14 6.91
C4A DPT E . -23.77 4.88 7.43
C5 DPT E . -23.65 3.62 6.73
C6 DPT E . -24.07 2.45 7.31
C6A DPT E . -24.63 2.43 8.62
C7 DPT E . -25.07 1.27 9.27
C8 DPT E . -25.60 1.33 10.53
C9 DPT E . -25.69 2.59 11.16
N10 DPT E . -25.28 3.73 10.59
C10 DPT E . -24.76 3.65 9.32
C1A DPT E . -24.33 4.89 8.72
C11 DPT E . -22.75 6.27 5.59
C12 DPT E . -25.01 -0.04 8.61
CU CU F . 4.59 -17.40 -9.48
RE RTC G . 17.12 3.00 -1.75
O1 RTC G . 19.84 2.67 -0.37
O2 RTC G . 18.26 1.86 -4.40
O3 RTC G . 18.02 5.79 -2.67
C1 RTC G . 18.85 2.79 -0.89
C2 RTC G . 17.83 2.28 -3.41
C3 RTC G . 17.71 4.76 -2.34
N1 DPT H . 16.07 3.54 0.07
C2 DPT H . 15.94 4.76 0.61
C3 DPT H . 15.17 5.01 1.75
C4 DPT H . 14.54 3.98 2.36
C4A DPT H . 14.64 2.68 1.85
C5 DPT H . 14.01 1.50 2.42
C6 DPT H . 14.15 0.28 1.88
C6A DPT H . 14.95 0.08 0.69
C7 DPT H . 15.13 -1.16 0.07
C8 DPT H . 15.90 -1.27 -1.06
C9 DPT H . 16.50 -0.10 -1.57
N10 DPT H . 16.35 1.10 -1.02
C10 DPT H . 15.58 1.20 0.11
C1A DPT H . 15.42 2.49 0.69
C11 DPT H . 13.75 4.27 3.56
C12 DPT H . 14.51 -2.37 0.62
#